data_4K4K
#
_entry.id   4K4K
#
_cell.length_a   59.398
_cell.length_b   140.225
_cell.length_c   53.450
_cell.angle_alpha   90.000
_cell.angle_beta   90.000
_cell.angle_gamma   90.000
#
_symmetry.space_group_name_H-M   'P 21 21 2'
#
loop_
_entity.id
_entity.type
_entity.pdbx_description
1 polymer 'Putative cell adhesion protein'
2 non-polymer 'CHLORIDE ION'
3 water water
#
_entity_poly.entity_id   1
_entity_poly.type   'polypeptide(L)'
_entity_poly.pdbx_seq_one_letter_code
;GGENTPQPTDGRVALEATSGIR(MSE)NTRAYDKTWEAGDAIGIY(MSE)LNGDATDGNGNRKYTTAQTAENGSFTAAEG
QTIYFPVDASQRDFVAYYPYRETLADGNVYTVDVSVQTPQKDIDL(MSE)GAAKVEGKDKTDPKVAFVFTHKLVKLDITI
KADGTSLTDADLAGTTVSISNQQTAATYNVVTGGDATVTTGTTKEIVLHTDGLKAEGIVLPAASTAG(MSE)ALTFTVPG
LEGQAFHWDVNSAAQSKAFVAGSKYLYTITISKAGVEVSSKVEDWTPGNGGGETGNAE
;
_entity_poly.pdbx_strand_id   A,B
#
# COMPACT_ATOMS: atom_id res chain seq x y z
N GLN A 7 8.02 -12.22 3.12
CA GLN A 7 9.07 -11.22 3.25
C GLN A 7 10.14 -11.34 2.15
N PRO A 8 10.60 -10.20 1.58
CA PRO A 8 11.63 -10.25 0.52
C PRO A 8 12.97 -10.81 0.98
N THR A 9 13.79 -11.29 0.02
CA THR A 9 15.11 -11.84 0.30
C THR A 9 16.21 -10.83 -0.13
N ASP A 10 15.82 -9.59 -0.51
CA ASP A 10 16.85 -8.61 -0.88
C ASP A 10 16.93 -7.46 0.16
N GLY A 11 16.51 -7.75 1.41
CA GLY A 11 16.64 -6.87 2.58
C GLY A 11 15.51 -5.93 2.93
N ARG A 12 14.54 -5.76 2.03
CA ARG A 12 13.42 -4.84 2.29
C ARG A 12 12.48 -5.45 3.34
N VAL A 13 11.95 -4.63 4.26
CA VAL A 13 11.12 -5.16 5.32
C VAL A 13 9.69 -4.72 5.10
N ALA A 14 8.81 -5.70 4.82
CA ALA A 14 7.42 -5.45 4.58
C ALA A 14 6.63 -5.34 5.88
N LEU A 15 5.56 -4.59 5.84
CA LEU A 15 4.63 -4.53 6.96
C LEU A 15 4.04 -5.93 7.24
N GLU A 16 3.96 -6.32 8.52
CA GLU A 16 3.34 -7.59 8.90
C GLU A 16 2.06 -7.21 9.66
N ALA A 17 0.95 -7.17 8.93
CA ALA A 17 -0.33 -6.71 9.48
C ALA A 17 -1.21 -7.82 9.96
N THR A 18 -1.82 -7.61 11.15
CA THR A 18 -2.82 -8.51 11.76
C THR A 18 -3.94 -7.65 12.37
N SER A 19 -5.09 -8.27 12.69
CA SER A 19 -6.20 -7.58 13.34
C SER A 19 -6.23 -7.85 14.87
N GLY A 20 -5.15 -8.45 15.38
CA GLY A 20 -5.00 -8.81 16.79
C GLY A 20 -4.89 -7.61 17.70
N ASP A 29 -13.48 -16.21 16.56
CA ASP A 29 -13.48 -17.38 15.69
C ASP A 29 -14.11 -17.07 14.32
N LYS A 30 -15.16 -16.23 14.29
CA LYS A 30 -15.84 -15.83 13.06
C LYS A 30 -15.93 -14.28 12.97
N THR A 31 -14.80 -13.58 13.16
CA THR A 31 -14.74 -12.11 13.09
C THR A 31 -14.72 -11.63 11.62
N TRP A 32 -13.75 -12.12 10.82
CA TRP A 32 -13.61 -11.78 9.40
C TRP A 32 -14.11 -12.91 8.53
N GLU A 33 -14.22 -12.66 7.22
CA GLU A 33 -14.56 -13.71 6.25
C GLU A 33 -13.58 -13.62 5.11
N ALA A 34 -13.16 -14.78 4.56
CA ALA A 34 -12.20 -14.87 3.45
C ALA A 34 -12.54 -13.85 2.36
N GLY A 35 -11.53 -13.06 1.98
CA GLY A 35 -11.66 -12.02 0.97
C GLY A 35 -11.88 -10.62 1.51
N ASP A 36 -12.22 -10.48 2.84
CA ASP A 36 -12.44 -9.17 3.49
C ASP A 36 -11.20 -8.30 3.27
N ALA A 37 -11.41 -7.05 2.85
CA ALA A 37 -10.30 -6.17 2.51
C ALA A 37 -10.32 -4.87 3.33
N ILE A 38 -9.12 -4.42 3.70
CA ILE A 38 -8.93 -3.17 4.45
C ILE A 38 -8.00 -2.27 3.63
N GLY A 39 -8.05 -0.98 3.91
CA GLY A 39 -7.15 -0.01 3.30
C GLY A 39 -6.18 0.44 4.38
N ILE A 40 -4.87 0.38 4.13
CA ILE A 40 -3.85 0.78 5.10
C ILE A 40 -3.10 1.97 4.58
N TYR A 41 -2.73 2.88 5.50
CA TYR A 41 -1.85 4.01 5.23
C TYR A 41 -0.67 3.95 6.16
N LEU A 43 2.07 6.50 7.60
CA LEU A 43 2.16 7.94 7.77
C LEU A 43 3.47 8.40 8.34
N ASN A 44 3.93 9.55 7.88
CA ASN A 44 5.07 10.27 8.43
C ASN A 44 4.46 11.56 8.94
N GLY A 45 4.07 11.59 10.21
CA GLY A 45 3.28 12.68 10.77
C GLY A 45 1.93 12.62 10.06
N ASP A 46 1.53 13.71 9.41
CA ASP A 46 0.24 13.71 8.68
C ASP A 46 0.38 13.27 7.24
N ALA A 47 1.62 13.20 6.76
CA ALA A 47 1.85 12.91 5.35
C ALA A 47 1.79 11.43 5.04
N THR A 48 1.17 11.09 3.92
CA THR A 48 1.14 9.70 3.49
C THR A 48 2.49 9.36 2.85
N ASP A 49 3.12 8.27 3.32
CA ASP A 49 4.40 7.84 2.79
C ASP A 49 4.13 6.91 1.64
N GLY A 50 4.41 7.36 0.40
CA GLY A 50 4.08 6.58 -0.79
C GLY A 50 2.58 6.60 -1.07
N ASN A 51 2.04 5.59 -1.76
CA ASN A 51 0.60 5.60 -2.06
C ASN A 51 -0.21 5.31 -0.79
N GLY A 52 -1.30 6.03 -0.60
CA GLY A 52 -2.13 5.70 0.56
C GLY A 52 -3.13 4.63 0.20
N ASN A 53 -4.01 4.27 1.15
CA ASN A 53 -5.12 3.35 0.87
C ASN A 53 -4.65 2.05 0.17
N ARG A 54 -3.62 1.43 0.75
CA ARG A 54 -3.05 0.19 0.23
CA ARG A 54 -3.08 0.19 0.19
C ARG A 54 -3.99 -0.97 0.53
N LYS A 55 -4.36 -1.75 -0.48
CA LYS A 55 -5.30 -2.86 -0.30
C LYS A 55 -4.65 -4.08 0.34
N TYR A 56 -5.20 -4.50 1.48
CA TYR A 56 -4.77 -5.71 2.21
C TYR A 56 -5.99 -6.59 2.42
N THR A 57 -5.84 -7.90 2.25
CA THR A 57 -6.98 -8.80 2.43
C THR A 57 -6.67 -9.86 3.44
N THR A 58 -7.71 -10.51 3.96
CA THR A 58 -7.47 -11.66 4.84
C THR A 58 -8.17 -12.89 4.24
N ALA A 59 -7.63 -14.09 4.53
CA ALA A 59 -8.23 -15.37 4.13
C ALA A 59 -8.68 -16.13 5.39
N GLN A 60 -8.25 -15.61 6.57
CA GLN A 60 -8.54 -16.15 7.89
C GLN A 60 -9.85 -15.54 8.45
N THR A 61 -10.57 -16.31 9.28
CA THR A 61 -11.82 -15.87 9.90
C THR A 61 -11.62 -15.43 11.36
N ALA A 62 -10.54 -15.92 12.00
CA ALA A 62 -10.15 -15.69 13.39
C ALA A 62 -9.86 -14.21 13.69
N GLU A 63 -10.07 -13.83 14.97
CA GLU A 63 -9.86 -12.49 15.54
C GLU A 63 -8.41 -12.01 15.37
N ASN A 64 -7.43 -12.93 15.45
CA ASN A 64 -6.01 -12.63 15.32
C ASN A 64 -5.49 -12.78 13.86
N GLY A 65 -6.42 -12.89 12.90
CA GLY A 65 -6.18 -13.07 11.48
C GLY A 65 -5.17 -12.13 10.86
N SER A 66 -4.27 -12.66 10.04
CA SER A 66 -3.25 -11.87 9.39
C SER A 66 -3.80 -11.33 8.05
N PHE A 67 -3.31 -10.15 7.64
CA PHE A 67 -3.68 -9.53 6.37
C PHE A 67 -2.52 -9.61 5.42
N THR A 68 -2.81 -9.75 4.13
CA THR A 68 -1.78 -9.84 3.09
CA THR A 68 -1.77 -9.79 3.10
C THR A 68 -2.02 -8.76 2.04
N ALA A 69 -0.95 -8.12 1.63
CA ALA A 69 -1.02 -7.06 0.64
C ALA A 69 -1.48 -7.63 -0.69
N ALA A 70 -2.38 -6.90 -1.36
CA ALA A 70 -2.74 -7.24 -2.74
C ALA A 70 -1.48 -7.01 -3.60
N GLU A 71 -1.37 -7.67 -4.76
CA GLU A 71 -0.16 -7.52 -5.55
C GLU A 71 0.12 -6.07 -5.93
N GLY A 72 1.37 -5.65 -5.73
CA GLY A 72 1.83 -4.29 -5.97
C GLY A 72 1.44 -3.26 -4.92
N GLN A 73 0.79 -3.71 -3.80
CA GLN A 73 0.27 -2.84 -2.72
CA GLN A 73 0.39 -2.72 -2.78
C GLN A 73 1.12 -2.93 -1.44
N THR A 74 2.13 -3.82 -1.41
CA THR A 74 2.94 -4.03 -0.21
C THR A 74 3.57 -2.72 0.31
N ILE A 75 3.37 -2.49 1.61
CA ILE A 75 3.99 -1.37 2.31
C ILE A 75 5.32 -1.85 2.87
N TYR A 76 6.39 -1.12 2.57
CA TYR A 76 7.73 -1.42 3.10
C TYR A 76 8.16 -0.36 4.05
N PHE A 77 8.82 -0.77 5.15
CA PHE A 77 9.34 0.20 6.11
C PHE A 77 10.51 0.98 5.54
N PRO A 78 10.71 2.25 5.96
CA PRO A 78 11.90 3.01 5.50
C PRO A 78 13.20 2.25 5.80
N VAL A 79 14.07 2.15 4.79
CA VAL A 79 15.34 1.44 4.94
C VAL A 79 16.26 2.11 6.01
N ASP A 80 16.10 3.43 6.24
CA ASP A 80 16.90 4.15 7.25
C ASP A 80 16.52 3.78 8.71
N ALA A 81 15.53 2.86 8.91
CA ALA A 81 15.05 2.41 10.20
C ALA A 81 14.35 3.55 10.99
N SER A 82 13.90 4.60 10.29
CA SER A 82 13.12 5.66 10.93
C SER A 82 11.67 5.13 11.15
N GLN A 83 10.95 5.76 12.09
CA GLN A 83 9.62 5.27 12.45
CA GLN A 83 9.61 5.33 12.50
C GLN A 83 8.49 5.91 11.62
N ARG A 84 7.38 5.19 11.56
CA ARG A 84 6.17 5.59 10.85
C ARG A 84 4.97 5.18 11.67
N ASP A 85 3.81 5.80 11.40
CA ASP A 85 2.56 5.44 12.04
C ASP A 85 1.66 4.76 11.05
N PHE A 86 0.67 4.01 11.53
CA PHE A 86 -0.20 3.25 10.64
C PHE A 86 -1.63 3.44 11.03
N VAL A 87 -2.49 3.56 10.03
CA VAL A 87 -3.94 3.63 10.23
C VAL A 87 -4.58 2.72 9.19
N ALA A 88 -5.82 2.29 9.44
CA ALA A 88 -6.55 1.43 8.48
C ALA A 88 -8.03 1.62 8.64
N TYR A 89 -8.78 1.17 7.63
CA TYR A 89 -10.23 1.22 7.70
C TYR A 89 -10.80 0.01 6.95
N TYR A 90 -12.04 -0.29 7.24
CA TYR A 90 -12.81 -1.37 6.60
C TYR A 90 -14.20 -0.81 6.31
N PRO A 91 -14.87 -1.18 5.21
CA PRO A 91 -14.37 -2.02 4.10
C PRO A 91 -13.62 -1.19 3.08
N TYR A 92 -12.52 -1.76 2.58
CA TYR A 92 -11.70 -1.10 1.56
C TYR A 92 -12.54 -0.61 0.38
N ARG A 93 -12.22 0.60 -0.11
CA ARG A 93 -12.77 1.22 -1.32
C ARG A 93 -11.61 1.57 -2.21
N GLU A 94 -11.67 1.18 -3.51
CA GLU A 94 -10.60 1.45 -4.47
CA GLU A 94 -10.62 1.45 -4.48
C GLU A 94 -10.36 2.95 -4.60
N THR A 95 -11.43 3.75 -4.64
CA THR A 95 -11.31 5.20 -4.75
C THR A 95 -12.10 5.85 -3.62
N LEU A 96 -11.42 6.64 -2.81
CA LEU A 96 -12.04 7.40 -1.72
C LEU A 96 -12.34 8.80 -2.23
N ALA A 97 -13.20 9.53 -1.55
CA ALA A 97 -13.44 10.92 -1.92
C ALA A 97 -12.21 11.73 -1.55
N ASP A 98 -12.00 12.83 -2.31
CA ASP A 98 -10.88 13.74 -2.18
CA ASP A 98 -10.85 13.74 -2.18
C ASP A 98 -10.46 13.95 -0.72
N GLY A 99 -9.18 13.76 -0.43
CA GLY A 99 -8.67 13.94 0.93
C GLY A 99 -8.84 12.75 1.86
N ASN A 100 -8.94 11.50 1.31
CA ASN A 100 -9.03 10.25 2.09
C ASN A 100 -10.34 10.16 2.88
N VAL A 101 -11.47 10.43 2.19
CA VAL A 101 -12.77 10.44 2.85
C VAL A 101 -13.64 9.29 2.36
N TYR A 102 -14.17 8.54 3.33
CA TYR A 102 -15.10 7.44 3.14
C TYR A 102 -16.51 8.01 3.26
N THR A 103 -17.33 7.82 2.21
CA THR A 103 -18.71 8.34 2.20
C THR A 103 -19.64 7.19 2.60
N VAL A 104 -20.40 7.38 3.68
CA VAL A 104 -21.33 6.40 4.24
C VAL A 104 -22.71 6.61 3.64
N ASP A 105 -23.37 5.52 3.24
CA ASP A 105 -24.77 5.52 2.82
C ASP A 105 -25.41 4.27 3.43
N VAL A 106 -26.32 4.44 4.40
CA VAL A 106 -26.94 3.29 5.08
C VAL A 106 -28.38 3.06 4.52
N SER A 107 -28.74 3.67 3.34
CA SER A 107 -30.06 3.46 2.70
CA SER A 107 -30.08 3.46 2.77
C SER A 107 -30.26 2.01 2.29
N VAL A 108 -29.15 1.34 1.92
CA VAL A 108 -29.18 -0.07 1.48
C VAL A 108 -28.53 -0.88 2.60
N GLN A 109 -29.35 -1.66 3.30
CA GLN A 109 -28.92 -2.43 4.49
C GLN A 109 -28.27 -3.78 4.21
N THR A 110 -28.63 -4.44 3.11
CA THR A 110 -28.14 -5.78 2.80
C THR A 110 -27.11 -5.74 1.65
N PRO A 111 -25.93 -6.39 1.80
CA PRO A 111 -25.41 -7.06 3.01
C PRO A 111 -24.90 -6.06 4.05
N GLN A 112 -25.12 -6.36 5.33
CA GLN A 112 -24.68 -5.52 6.45
C GLN A 112 -23.18 -5.25 6.42
N LYS A 113 -22.34 -6.27 6.07
CA LYS A 113 -20.87 -6.11 6.08
C LYS A 113 -20.39 -5.01 5.11
N ASP A 114 -21.15 -4.70 4.04
CA ASP A 114 -20.73 -3.70 3.05
C ASP A 114 -20.94 -2.26 3.54
N ILE A 115 -21.74 -2.06 4.63
CA ILE A 115 -21.93 -0.71 5.17
C ILE A 115 -21.35 -0.62 6.61
N ASP A 116 -20.75 -1.70 7.12
CA ASP A 116 -20.20 -1.72 8.46
C ASP A 116 -18.81 -1.03 8.47
N LEU A 117 -18.82 0.32 8.47
CA LEU A 117 -17.58 1.09 8.48
C LEU A 117 -16.84 0.92 9.81
N GLY A 119 -12.85 1.66 11.75
CA GLY A 119 -11.55 2.32 11.72
C GLY A 119 -10.62 1.70 12.74
N ALA A 120 -9.34 1.52 12.38
CA ALA A 120 -8.34 0.97 13.31
C ALA A 120 -7.70 2.13 14.05
N ALA A 121 -7.49 2.03 15.36
CA ALA A 121 -6.78 3.06 16.13
C ALA A 121 -5.38 3.23 15.55
N LYS A 122 -4.88 4.45 15.53
CA LYS A 122 -3.55 4.69 15.01
C LYS A 122 -2.50 3.89 15.81
N VAL A 123 -1.60 3.20 15.10
CA VAL A 123 -0.47 2.49 15.73
C VAL A 123 0.78 3.34 15.45
N GLU A 124 1.37 3.90 16.50
CA GLU A 124 2.50 4.83 16.36
C GLU A 124 3.89 4.22 16.54
N GLY A 125 4.87 4.86 15.89
CA GLY A 125 6.29 4.60 16.09
C GLY A 125 6.81 3.21 15.77
N LYS A 126 6.41 2.68 14.62
CA LYS A 126 6.90 1.40 14.16
C LYS A 126 8.04 1.60 13.17
N ASP A 127 9.01 0.69 13.17
CA ASP A 127 10.09 0.75 12.21
C ASP A 127 10.46 -0.67 11.72
N LYS A 128 11.43 -0.77 10.81
CA LYS A 128 11.82 -2.06 10.22
C LYS A 128 12.35 -3.07 11.26
N THR A 129 12.75 -2.65 12.48
CA THR A 129 13.26 -3.61 13.49
C THR A 129 12.09 -4.32 14.19
N ASP A 130 10.87 -3.83 14.02
CA ASP A 130 9.66 -4.45 14.57
C ASP A 130 8.50 -4.10 13.63
N PRO A 131 8.38 -4.86 12.52
CA PRO A 131 7.41 -4.51 11.49
C PRO A 131 6.00 -5.05 11.74
N LYS A 132 5.75 -5.62 12.92
CA LYS A 132 4.41 -6.18 13.21
C LYS A 132 3.48 -5.10 13.70
N VAL A 133 2.33 -4.97 13.04
CA VAL A 133 1.31 -3.98 13.43
C VAL A 133 0.02 -4.74 13.65
N ALA A 134 -0.54 -4.65 14.87
CA ALA A 134 -1.80 -5.28 15.20
C ALA A 134 -2.87 -4.19 15.19
N PHE A 135 -3.72 -4.20 14.15
CA PHE A 135 -4.78 -3.22 14.02
C PHE A 135 -5.99 -3.62 14.88
N VAL A 136 -6.48 -2.70 15.69
CA VAL A 136 -7.66 -2.96 16.52
C VAL A 136 -8.78 -2.11 15.93
N PHE A 137 -9.74 -2.75 15.29
CA PHE A 137 -10.83 -2.04 14.62
C PHE A 137 -12.01 -1.78 15.54
N THR A 138 -12.62 -0.60 15.40
CA THR A 138 -13.87 -0.26 16.11
C THR A 138 -14.90 0.17 15.09
N HIS A 139 -16.18 -0.17 15.34
CA HIS A 139 -17.26 0.21 14.43
C HIS A 139 -17.54 1.71 14.58
N LYS A 140 -17.69 2.41 13.45
CA LYS A 140 -17.96 3.87 13.47
C LYS A 140 -19.47 4.18 13.47
N LEU A 141 -20.32 3.14 13.19
CA LEU A 141 -21.76 3.32 13.12
C LEU A 141 -22.44 2.58 14.29
N VAL A 142 -23.74 2.32 14.17
CA VAL A 142 -24.54 1.75 15.27
C VAL A 142 -25.28 0.51 14.80
N LYS A 143 -25.24 -0.56 15.60
CA LYS A 143 -25.91 -1.79 15.26
C LYS A 143 -27.22 -1.92 16.03
N LEU A 144 -28.30 -2.30 15.32
CA LEU A 144 -29.59 -2.60 15.93
C LEU A 144 -29.81 -4.10 15.82
N ASP A 145 -30.12 -4.76 16.95
CA ASP A 145 -30.32 -6.20 17.00
C ASP A 145 -31.67 -6.41 17.67
N ILE A 146 -32.65 -6.86 16.90
CA ILE A 146 -34.02 -7.00 17.39
C ILE A 146 -34.46 -8.45 17.39
N THR A 147 -35.04 -8.87 18.53
CA THR A 147 -35.61 -10.19 18.67
C THR A 147 -37.10 -10.00 18.88
N ILE A 148 -37.94 -10.68 18.10
CA ILE A 148 -39.39 -10.57 18.23
C ILE A 148 -39.95 -11.84 18.86
N LYS A 149 -40.87 -11.70 19.82
CA LYS A 149 -41.58 -12.86 20.35
C LYS A 149 -43.03 -12.50 20.63
N ALA A 150 -43.89 -13.49 20.60
CA ALA A 150 -45.30 -13.26 20.92
C ALA A 150 -45.50 -13.25 22.43
N ASP A 151 -46.61 -12.71 22.93
CA ASP A 151 -46.91 -12.80 24.35
C ASP A 151 -47.19 -14.25 24.78
N GLY A 152 -47.50 -15.14 23.83
CA GLY A 152 -47.88 -16.54 24.12
C GLY A 152 -49.31 -16.69 24.62
N THR A 153 -50.10 -15.61 24.57
CA THR A 153 -51.48 -15.61 25.04
C THR A 153 -52.41 -15.17 23.91
N SER A 154 -52.44 -13.86 23.61
CA SER A 154 -53.27 -13.33 22.54
C SER A 154 -52.71 -13.77 21.19
N LEU A 155 -51.38 -13.98 21.13
CA LEU A 155 -50.65 -14.37 19.94
C LEU A 155 -49.61 -15.43 20.25
N THR A 156 -49.19 -16.15 19.20
CA THR A 156 -48.15 -17.18 19.27
C THR A 156 -47.05 -16.76 18.31
N ASP A 157 -45.85 -17.31 18.49
CA ASP A 157 -44.74 -16.96 17.61
C ASP A 157 -45.09 -17.23 16.13
N ALA A 158 -45.88 -18.29 15.87
CA ALA A 158 -46.38 -18.67 14.54
C ALA A 158 -47.20 -17.53 13.92
N ASP A 159 -48.02 -16.83 14.71
CA ASP A 159 -48.82 -15.71 14.23
C ASP A 159 -47.97 -14.54 13.74
N LEU A 160 -46.70 -14.46 14.18
CA LEU A 160 -45.78 -13.37 13.82
C LEU A 160 -44.88 -13.73 12.63
N ALA A 161 -45.13 -14.90 12.00
CA ALA A 161 -44.36 -15.30 10.82
C ALA A 161 -44.51 -14.25 9.73
N GLY A 162 -43.39 -13.79 9.22
CA GLY A 162 -43.34 -12.79 8.17
C GLY A 162 -43.33 -11.34 8.62
N THR A 163 -43.27 -11.09 9.97
CA THR A 163 -43.25 -9.72 10.48
C THR A 163 -42.07 -8.93 9.88
N THR A 164 -42.34 -7.73 9.39
CA THR A 164 -41.28 -6.85 8.86
C THR A 164 -41.03 -5.74 9.87
N VAL A 165 -39.82 -5.19 9.86
CA VAL A 165 -39.41 -4.16 10.81
C VAL A 165 -38.75 -3.02 10.06
N SER A 166 -39.12 -1.78 10.39
CA SER A 166 -38.46 -0.61 9.84
C SER A 166 -38.27 0.43 10.95
N ILE A 167 -37.36 1.37 10.74
CA ILE A 167 -37.10 2.46 11.69
C ILE A 167 -37.29 3.77 10.93
N SER A 168 -37.99 4.73 11.55
CA SER A 168 -38.33 6.00 10.91
C SER A 168 -37.32 7.12 11.20
N ASN A 169 -37.45 8.18 10.39
CA ASN A 169 -36.76 9.46 10.45
C ASN A 169 -35.25 9.28 10.66
N GLN A 170 -34.66 8.54 9.74
CA GLN A 170 -33.23 8.30 9.77
C GLN A 170 -32.48 9.18 8.82
N GLN A 171 -31.33 9.67 9.27
CA GLN A 171 -30.34 10.32 8.42
C GLN A 171 -29.62 9.13 7.76
N THR A 172 -29.26 9.22 6.48
CA THR A 172 -28.66 8.06 5.83
C THR A 172 -27.26 8.32 5.26
N ALA A 173 -26.79 9.59 5.25
CA ALA A 173 -25.46 9.93 4.73
C ALA A 173 -24.50 10.45 5.81
N ALA A 174 -23.26 10.00 5.76
CA ALA A 174 -22.22 10.46 6.68
C ALA A 174 -20.86 10.40 5.99
N THR A 175 -19.84 11.02 6.59
CA THR A 175 -18.47 10.99 6.11
C THR A 175 -17.55 10.59 7.22
N TYR A 176 -16.38 10.12 6.84
CA TYR A 176 -15.34 9.69 7.77
C TYR A 176 -14.02 9.84 7.11
N ASN A 177 -13.10 10.57 7.75
CA ASN A 177 -11.75 10.69 7.18
C ASN A 177 -10.94 9.48 7.70
N VAL A 178 -10.53 8.60 6.78
CA VAL A 178 -9.87 7.33 7.15
C VAL A 178 -8.45 7.53 7.75
N VAL A 179 -7.82 8.68 7.46
CA VAL A 179 -6.49 8.97 7.98
C VAL A 179 -6.63 9.64 9.35
N THR A 180 -7.56 10.62 9.48
CA THR A 180 -7.81 11.35 10.76
C THR A 180 -8.35 10.43 11.83
N GLY A 181 -9.25 9.53 11.45
CA GLY A 181 -9.90 8.65 12.40
C GLY A 181 -10.94 9.44 13.18
N GLY A 182 -11.21 9.01 14.40
CA GLY A 182 -12.22 9.69 15.20
C GLY A 182 -13.61 9.29 14.73
N ASP A 183 -14.59 10.16 14.94
CA ASP A 183 -15.97 9.84 14.64
C ASP A 183 -16.36 10.16 13.23
N ALA A 184 -17.35 9.44 12.72
CA ALA A 184 -17.98 9.76 11.46
C ALA A 184 -18.85 11.02 11.67
N THR A 185 -19.05 11.82 10.64
CA THR A 185 -19.88 13.04 10.73
C THR A 185 -21.11 12.86 9.88
N VAL A 186 -22.29 13.06 10.46
CA VAL A 186 -23.54 12.95 9.71
C VAL A 186 -23.70 14.19 8.82
N THR A 187 -24.00 14.00 7.54
CA THR A 187 -24.24 15.13 6.63
C THR A 187 -25.75 15.16 6.43
N THR A 188 -26.42 16.08 7.11
CA THR A 188 -27.88 16.12 7.14
C THR A 188 -28.50 16.24 5.75
N GLY A 189 -29.59 15.53 5.59
CA GLY A 189 -30.37 15.46 4.36
C GLY A 189 -31.80 15.17 4.73
N THR A 190 -32.56 14.66 3.78
CA THR A 190 -33.95 14.35 4.08
C THR A 190 -34.00 13.02 4.85
N THR A 191 -34.80 12.98 5.94
CA THR A 191 -34.98 11.81 6.81
C THR A 191 -35.68 10.72 5.99
N LYS A 192 -35.32 9.45 6.24
CA LYS A 192 -35.82 8.28 5.50
CA LYS A 192 -35.86 8.30 5.51
C LYS A 192 -36.24 7.15 6.44
N GLU A 193 -37.16 6.29 5.97
CA GLU A 193 -37.55 5.10 6.69
C GLU A 193 -36.56 4.02 6.27
N ILE A 194 -35.94 3.32 7.22
CA ILE A 194 -35.00 2.27 6.85
C ILE A 194 -35.63 0.92 7.17
N VAL A 195 -35.77 0.06 6.15
CA VAL A 195 -36.31 -1.27 6.34
C VAL A 195 -35.17 -2.13 6.86
N LEU A 196 -35.35 -2.73 8.04
CA LEU A 196 -34.34 -3.60 8.64
CA LEU A 196 -34.30 -3.58 8.62
C LEU A 196 -34.39 -4.98 8.01
N HIS A 197 -33.28 -5.72 7.98
CA HIS A 197 -33.16 -7.06 7.42
CA HIS A 197 -33.34 -7.05 7.39
C HIS A 197 -33.75 -8.08 8.44
N THR A 198 -34.75 -8.88 8.06
CA THR A 198 -35.34 -9.90 8.93
C THR A 198 -34.98 -11.31 8.49
N ASP A 199 -34.79 -12.18 9.49
CA ASP A 199 -34.51 -13.61 9.32
C ASP A 199 -35.28 -14.30 10.41
N GLY A 200 -36.51 -14.68 10.08
CA GLY A 200 -37.44 -15.26 11.02
C GLY A 200 -37.89 -14.18 11.99
N LEU A 201 -37.76 -14.44 13.28
CA LEU A 201 -38.18 -13.45 14.27
C LEU A 201 -37.00 -12.59 14.77
N LYS A 202 -35.97 -12.45 13.94
CA LYS A 202 -34.81 -11.60 14.24
C LYS A 202 -34.69 -10.55 13.16
N ALA A 203 -34.39 -9.32 13.55
CA ALA A 203 -34.16 -8.21 12.62
C ALA A 203 -32.89 -7.50 12.99
N GLU A 204 -32.18 -6.97 12.00
CA GLU A 204 -30.95 -6.27 12.28
C GLU A 204 -30.78 -5.11 11.32
N GLY A 205 -30.03 -4.13 11.77
CA GLY A 205 -29.72 -2.97 10.95
C GLY A 205 -28.47 -2.26 11.41
N ILE A 206 -27.91 -1.44 10.54
CA ILE A 206 -26.78 -0.57 10.83
C ILE A 206 -27.26 0.84 10.54
N VAL A 207 -27.23 1.69 11.54
CA VAL A 207 -27.75 3.05 11.40
C VAL A 207 -26.68 4.06 11.81
N LEU A 208 -26.95 5.34 11.53
CA LEU A 208 -26.00 6.38 11.89
C LEU A 208 -26.12 6.75 13.36
N PRO A 209 -25.00 7.19 13.97
CA PRO A 209 -25.09 7.74 15.34
C PRO A 209 -26.03 8.95 15.36
N ALA A 210 -26.73 9.15 16.46
CA ALA A 210 -27.68 10.26 16.63
C ALA A 210 -27.66 10.72 18.07
N ALA A 211 -27.49 12.05 18.26
CA ALA A 211 -27.45 12.68 19.58
C ALA A 211 -28.80 12.48 20.29
N SER A 212 -29.89 12.37 19.50
CA SER A 212 -31.22 12.11 20.04
C SER A 212 -32.01 11.15 19.16
N THR A 213 -32.66 10.15 19.78
CA THR A 213 -33.53 9.20 19.09
C THR A 213 -34.99 9.69 19.06
N ALA A 214 -35.24 10.98 19.43
CA ALA A 214 -36.59 11.57 19.42
C ALA A 214 -37.14 11.62 18.00
N GLY A 215 -38.40 11.22 17.86
CA GLY A 215 -39.06 11.16 16.56
C GLY A 215 -38.85 9.84 15.84
N ALA A 217 -39.20 5.84 15.39
CA ALA A 217 -40.06 4.77 15.81
C ALA A 217 -39.76 3.50 15.04
N LEU A 218 -39.90 2.35 15.70
CA LEU A 218 -39.84 1.05 15.06
C LEU A 218 -41.26 0.68 14.63
N THR A 219 -41.43 0.23 13.38
CA THR A 219 -42.75 -0.21 12.90
C THR A 219 -42.68 -1.70 12.65
N PHE A 220 -43.62 -2.46 13.25
CA PHE A 220 -43.73 -3.89 13.07
C PHE A 220 -45.00 -4.18 12.31
N THR A 221 -44.89 -4.68 11.07
CA THR A 221 -46.06 -5.03 10.24
CA THR A 221 -46.09 -5.02 10.29
C THR A 221 -46.24 -6.54 10.36
N VAL A 222 -47.34 -6.97 10.96
CA VAL A 222 -47.63 -8.38 11.19
C VAL A 222 -48.65 -8.89 10.16
N PRO A 223 -48.23 -9.73 9.20
CA PRO A 223 -49.18 -10.25 8.19
C PRO A 223 -50.31 -11.07 8.78
N GLY A 224 -50.01 -11.86 9.81
CA GLY A 224 -50.96 -12.69 10.53
C GLY A 224 -52.16 -11.93 11.09
N LEU A 225 -51.93 -10.66 11.47
CA LEU A 225 -52.97 -9.76 11.97
C LEU A 225 -53.47 -8.84 10.84
N GLU A 226 -53.67 -9.42 9.64
CA GLU A 226 -54.12 -8.79 8.38
C GLU A 226 -53.28 -7.54 8.04
N GLY A 227 -51.95 -7.68 8.14
CA GLY A 227 -50.99 -6.62 7.85
C GLY A 227 -51.00 -5.45 8.82
N GLN A 228 -51.54 -5.65 10.05
CA GLN A 228 -51.60 -4.60 11.07
C GLN A 228 -50.20 -4.15 11.45
N ALA A 229 -50.04 -2.82 11.61
CA ALA A 229 -48.76 -2.21 11.97
C ALA A 229 -48.79 -1.66 13.39
N PHE A 230 -47.79 -2.07 14.19
CA PHE A 230 -47.53 -1.61 15.56
C PHE A 230 -46.36 -0.66 15.51
N HIS A 231 -46.43 0.45 16.25
CA HIS A 231 -45.37 1.46 16.31
C HIS A 231 -44.86 1.61 17.72
N TRP A 232 -43.54 1.75 17.88
CA TRP A 232 -42.94 1.90 19.20
C TRP A 232 -41.86 2.97 19.14
N ASP A 233 -41.92 3.94 20.09
CA ASP A 233 -40.96 5.05 20.11
C ASP A 233 -39.62 4.62 20.69
N VAL A 234 -38.56 4.69 19.86
CA VAL A 234 -37.19 4.31 20.23
C VAL A 234 -36.74 5.08 21.47
N ASN A 235 -37.09 6.37 21.58
CA ASN A 235 -36.69 7.24 22.69
C ASN A 235 -37.38 6.84 24.04
N SER A 236 -38.41 5.98 24.00
CA SER A 236 -39.06 5.54 25.24
C SER A 236 -38.22 4.46 25.96
N ALA A 237 -37.22 3.85 25.27
CA ALA A 237 -36.35 2.84 25.89
C ALA A 237 -35.34 3.51 26.79
N ALA A 238 -35.03 2.85 27.92
CA ALA A 238 -34.07 3.35 28.90
C ALA A 238 -32.66 3.41 28.33
N GLN A 239 -32.27 2.41 27.52
CA GLN A 239 -30.91 2.32 26.99
C GLN A 239 -30.68 3.08 25.68
N SER A 240 -31.72 3.70 25.07
CA SER A 240 -31.50 4.37 23.78
C SER A 240 -32.14 5.76 23.63
N LYS A 241 -31.75 6.72 24.48
CA LYS A 241 -32.18 8.12 24.33
C LYS A 241 -31.38 8.78 23.18
N ALA A 242 -30.28 8.14 22.82
CA ALA A 242 -29.34 8.50 21.77
C ALA A 242 -28.78 7.23 21.17
N PHE A 243 -28.23 7.32 19.96
CA PHE A 243 -27.54 6.19 19.33
C PHE A 243 -26.05 6.53 19.33
N VAL A 244 -25.25 5.84 20.16
CA VAL A 244 -23.82 6.10 20.30
C VAL A 244 -22.99 5.24 19.34
N ALA A 245 -22.07 5.88 18.58
CA ALA A 245 -21.19 5.18 17.64
C ALA A 245 -20.47 4.03 18.33
N GLY A 246 -20.29 2.92 17.60
CA GLY A 246 -19.59 1.74 18.07
C GLY A 246 -20.35 0.92 19.09
N SER A 247 -21.68 1.13 19.20
CA SER A 247 -22.54 0.42 20.13
C SER A 247 -23.53 -0.48 19.41
N LYS A 248 -24.00 -1.51 20.12
CA LYS A 248 -25.03 -2.43 19.66
C LYS A 248 -26.21 -2.28 20.60
N TYR A 249 -27.39 -1.95 20.04
CA TYR A 249 -28.65 -1.80 20.79
C TYR A 249 -29.44 -3.05 20.56
N LEU A 250 -29.72 -3.78 21.65
CA LEU A 250 -30.44 -5.04 21.58
C LEU A 250 -31.83 -4.81 22.10
N TYR A 251 -32.84 -5.08 21.25
CA TYR A 251 -34.22 -4.93 21.68
C TYR A 251 -34.93 -6.26 21.64
N THR A 252 -35.68 -6.57 22.72
CA THR A 252 -36.56 -7.74 22.74
C THR A 252 -37.97 -7.19 22.68
N ILE A 253 -38.68 -7.51 21.59
CA ILE A 253 -40.02 -7.02 21.35
C ILE A 253 -41.03 -8.10 21.66
N THR A 254 -41.94 -7.84 22.60
CA THR A 254 -43.02 -8.78 22.88
C THR A 254 -44.29 -8.21 22.25
N ILE A 255 -44.87 -8.94 21.31
CA ILE A 255 -46.06 -8.47 20.62
C ILE A 255 -47.32 -9.17 21.15
N SER A 256 -48.34 -8.35 21.44
CA SER A 256 -49.65 -8.78 21.87
C SER A 256 -50.70 -8.09 20.99
N LYS A 257 -51.95 -8.55 21.01
CA LYS A 257 -53.01 -7.88 20.23
C LYS A 257 -53.24 -6.46 20.77
N ALA A 258 -53.00 -6.25 22.08
CA ALA A 258 -53.16 -4.96 22.74
C ALA A 258 -52.00 -3.99 22.42
N GLY A 259 -50.89 -4.50 21.90
CA GLY A 259 -49.72 -3.70 21.57
C GLY A 259 -48.40 -4.35 21.84
N VAL A 260 -47.32 -3.57 21.68
CA VAL A 260 -45.97 -4.10 21.85
C VAL A 260 -45.34 -3.58 23.13
N GLU A 261 -44.37 -4.33 23.65
CA GLU A 261 -43.55 -3.97 24.79
C GLU A 261 -42.13 -4.32 24.49
N VAL A 262 -41.20 -3.48 24.94
CA VAL A 262 -39.82 -3.66 24.57
C VAL A 262 -38.89 -3.58 25.77
N SER A 263 -37.90 -4.49 25.81
CA SER A 263 -36.81 -4.47 26.78
C SER A 263 -35.59 -4.12 25.99
N SER A 264 -34.72 -3.26 26.53
CA SER A 264 -33.56 -2.85 25.77
C SER A 264 -32.27 -3.04 26.53
N LYS A 265 -31.18 -3.25 25.77
CA LYS A 265 -29.82 -3.37 26.30
C LYS A 265 -28.91 -2.70 25.34
N VAL A 266 -27.83 -2.07 25.85
CA VAL A 266 -26.81 -1.47 24.98
C VAL A 266 -25.51 -2.13 25.38
N GLU A 267 -24.67 -2.47 24.37
CA GLU A 267 -23.40 -3.14 24.56
CA GLU A 267 -23.37 -3.04 24.65
C GLU A 267 -22.36 -2.53 23.65
N ASP A 268 -21.07 -2.62 23.99
CA ASP A 268 -20.07 -2.15 23.04
C ASP A 268 -20.16 -3.12 21.86
N TRP A 269 -20.13 -2.62 20.62
CA TRP A 269 -20.30 -3.51 19.48
C TRP A 269 -18.96 -4.25 19.16
N THR A 270 -18.96 -5.57 19.42
CA THR A 270 -17.83 -6.50 19.28
C THR A 270 -18.36 -7.88 18.85
N ASP B 10 -10.23 8.36 -31.93
CA ASP B 10 -11.65 8.05 -32.00
C ASP B 10 -12.09 7.24 -30.74
N GLY B 11 -12.76 6.10 -30.94
CA GLY B 11 -13.27 5.29 -29.84
C GLY B 11 -12.27 4.49 -29.01
N ARG B 12 -11.08 4.20 -29.56
CA ARG B 12 -10.08 3.40 -28.85
C ARG B 12 -9.45 4.21 -27.72
N VAL B 13 -9.23 3.58 -26.57
CA VAL B 13 -8.68 4.30 -25.42
C VAL B 13 -7.25 3.82 -25.16
N ALA B 14 -6.29 4.72 -25.34
CA ALA B 14 -4.88 4.41 -25.14
C ALA B 14 -4.50 4.53 -23.67
N LEU B 15 -3.47 3.78 -23.29
CA LEU B 15 -2.88 3.91 -21.97
C LEU B 15 -2.30 5.31 -21.78
N GLU B 16 -2.55 5.92 -20.60
CA GLU B 16 -1.95 7.22 -20.26
C GLU B 16 -0.94 6.92 -19.13
N ALA B 17 0.33 6.68 -19.51
CA ALA B 17 1.39 6.26 -18.60
C ALA B 17 2.13 7.46 -18.01
N THR B 18 2.25 7.50 -16.66
CA THR B 18 2.97 8.57 -15.94
C THR B 18 3.87 7.94 -14.87
N SER B 19 4.85 8.70 -14.36
CA SER B 19 5.76 8.22 -13.31
C SER B 19 5.20 8.53 -11.89
N GLY B 20 4.06 9.20 -11.83
CA GLY B 20 3.41 9.63 -10.59
C GLY B 20 3.27 8.58 -9.51
N THR B 25 5.20 22.22 -7.35
CA THR B 25 6.24 23.25 -7.36
C THR B 25 7.60 22.59 -7.11
N ARG B 26 8.18 22.06 -8.20
CA ARG B 26 9.48 21.38 -8.21
C ARG B 26 10.11 21.49 -9.60
N ALA B 27 11.44 21.42 -9.67
CA ALA B 27 12.15 21.48 -10.95
C ALA B 27 12.19 20.09 -11.60
N TYR B 28 12.76 20.01 -12.83
CA TYR B 28 12.86 18.80 -13.65
C TYR B 28 13.50 17.64 -12.88
N ASP B 29 12.88 16.45 -12.99
CA ASP B 29 13.33 15.21 -12.34
C ASP B 29 14.69 14.75 -12.89
N LYS B 30 15.67 14.57 -12.00
CA LYS B 30 17.04 14.13 -12.32
C LYS B 30 17.08 12.65 -12.74
N THR B 31 16.14 11.84 -12.23
CA THR B 31 16.02 10.40 -12.51
C THR B 31 15.94 10.12 -14.02
N TRP B 32 15.24 11.01 -14.78
CA TRP B 32 14.99 10.81 -16.19
C TRP B 32 15.72 11.78 -17.11
N GLU B 33 16.23 11.23 -18.22
CA GLU B 33 16.87 11.93 -19.34
C GLU B 33 15.99 11.68 -20.57
N ALA B 34 16.02 12.58 -21.57
CA ALA B 34 15.17 12.49 -22.77
C ALA B 34 15.48 11.28 -23.70
N GLY B 35 16.65 10.64 -23.54
CA GLY B 35 17.05 9.45 -24.31
C GLY B 35 16.59 8.11 -23.77
N ASP B 36 16.20 8.07 -22.47
CA ASP B 36 15.78 6.88 -21.74
C ASP B 36 14.45 6.28 -22.30
N ALA B 37 14.16 5.03 -21.91
CA ALA B 37 12.92 4.37 -22.29
C ALA B 37 12.58 3.33 -21.25
N ILE B 38 11.29 3.00 -21.13
CA ILE B 38 10.81 1.96 -20.24
C ILE B 38 10.10 0.92 -21.09
N GLY B 39 9.93 -0.29 -20.56
CA GLY B 39 9.17 -1.34 -21.25
C GLY B 39 7.91 -1.56 -20.42
N ILE B 40 6.72 -1.55 -21.07
CA ILE B 40 5.46 -1.74 -20.37
C ILE B 40 4.80 -3.00 -20.84
N TYR B 41 4.13 -3.70 -19.91
CA TYR B 41 3.29 -4.85 -20.21
C TYR B 41 1.90 -4.62 -19.72
N LEU B 43 -1.33 -6.85 -18.74
CA LEU B 43 -1.56 -8.23 -18.37
C LEU B 43 -3.01 -8.56 -18.14
N ASN B 44 -3.39 -9.75 -18.54
CA ASN B 44 -4.70 -10.34 -18.24
C ASN B 44 -4.35 -11.55 -17.38
N GLY B 45 -4.36 -11.35 -16.07
CA GLY B 45 -3.86 -12.36 -15.13
C GLY B 45 -2.36 -12.43 -15.41
N ASP B 46 -1.85 -13.64 -15.71
CA ASP B 46 -0.42 -13.76 -16.02
C ASP B 46 -0.12 -13.57 -17.50
N ALA B 47 -1.14 -13.57 -18.35
CA ALA B 47 -0.91 -13.54 -19.78
C ALA B 47 -0.69 -12.13 -20.32
N THR B 48 0.27 -11.97 -21.24
N THR B 48 0.13 -12.04 -21.37
CA THR B 48 0.47 -10.65 -21.85
CA THR B 48 0.36 -10.83 -22.18
C THR B 48 -0.62 -10.48 -22.88
C THR B 48 -0.41 -11.05 -23.50
N ASP B 49 -1.20 -9.31 -22.90
N ASP B 49 -1.62 -10.48 -23.63
CA ASP B 49 -2.29 -8.98 -23.77
CA ASP B 49 -2.49 -10.73 -24.79
C ASP B 49 -1.67 -8.31 -24.97
C ASP B 49 -1.99 -10.12 -26.10
N GLY B 50 -1.54 -9.07 -26.07
N GLY B 50 -1.63 -8.84 -26.09
CA GLY B 50 -0.86 -8.59 -27.28
CA GLY B 50 -1.06 -8.17 -27.24
C GLY B 50 0.64 -8.62 -27.06
C GLY B 50 0.42 -8.47 -27.31
N ASN B 51 1.42 -7.72 -27.71
N ASN B 51 1.27 -7.45 -27.47
CA ASN B 51 2.88 -7.76 -27.52
CA ASN B 51 2.72 -7.63 -27.47
C ASN B 51 3.27 -7.16 -26.17
C ASN B 51 3.27 -7.10 -26.14
N GLY B 52 4.14 -7.86 -25.47
CA GLY B 52 4.68 -7.40 -24.19
C GLY B 52 5.82 -6.42 -24.45
N ASN B 53 6.44 -5.92 -23.38
CA ASN B 53 7.64 -5.10 -23.50
C ASN B 53 7.50 -3.96 -24.52
N ARG B 54 6.39 -3.19 -24.37
CA ARG B 54 6.08 -2.07 -25.25
CA ARG B 54 6.12 -2.08 -25.28
C ARG B 54 7.00 -0.89 -24.91
N LYS B 55 7.68 -0.33 -25.90
CA LYS B 55 8.61 0.77 -25.66
C LYS B 55 7.89 2.11 -25.46
N TYR B 56 8.13 2.71 -24.29
CA TYR B 56 7.62 4.04 -23.94
C TYR B 56 8.80 4.92 -23.61
N THR B 57 8.88 6.08 -24.28
CA THR B 57 10.04 6.98 -24.14
C THR B 57 9.82 8.00 -23.04
N THR B 58 10.94 8.62 -22.64
CA THR B 58 11.01 9.57 -21.54
C THR B 58 11.29 11.04 -21.97
N ALA B 59 10.93 11.46 -23.21
CA ALA B 59 11.18 12.84 -23.71
C ALA B 59 10.62 13.97 -22.80
N GLN B 60 9.50 13.73 -22.08
CA GLN B 60 8.98 14.77 -21.16
C GLN B 60 8.86 14.27 -19.71
N THR B 61 9.41 13.08 -19.38
CA THR B 61 9.29 12.54 -18.03
C THR B 61 9.91 13.46 -16.97
N ALA B 62 11.11 14.06 -17.25
CA ALA B 62 11.75 14.97 -16.29
C ALA B 62 10.88 16.20 -16.04
N GLU B 63 10.21 16.70 -17.11
CA GLU B 63 9.38 17.90 -17.04
C GLU B 63 8.04 17.69 -16.37
N ASN B 64 7.29 16.65 -16.78
CA ASN B 64 5.92 16.49 -16.28
C ASN B 64 5.56 15.06 -15.84
N GLY B 65 6.52 14.15 -15.91
CA GLY B 65 6.36 12.75 -15.49
C GLY B 65 5.68 11.80 -16.47
N SER B 66 5.31 12.27 -17.67
CA SER B 66 4.63 11.41 -18.64
CA SER B 66 4.62 11.42 -18.66
C SER B 66 5.60 10.53 -19.45
N PHE B 67 5.09 9.39 -19.92
CA PHE B 67 5.80 8.45 -20.80
C PHE B 67 5.01 8.45 -22.11
N THR B 68 5.72 8.39 -23.24
CA THR B 68 5.06 8.42 -24.56
C THR B 68 5.32 7.13 -25.32
N ALA B 69 4.30 6.49 -25.91
CA ALA B 69 4.53 5.25 -26.68
C ALA B 69 5.40 5.55 -27.89
N ALA B 70 6.38 4.67 -28.17
CA ALA B 70 7.13 4.77 -29.41
C ALA B 70 6.14 4.40 -30.55
N GLU B 71 6.39 4.82 -31.80
CA GLU B 71 5.41 4.50 -32.84
CA GLU B 71 5.51 4.50 -32.93
C GLU B 71 5.23 2.99 -33.01
N GLY B 72 3.98 2.59 -33.12
CA GLY B 72 3.57 1.20 -33.24
C GLY B 72 3.57 0.42 -31.93
N GLN B 73 3.84 1.12 -30.80
CA GLN B 73 3.93 0.48 -29.48
C GLN B 73 2.75 0.81 -28.56
N THR B 74 1.84 1.71 -28.98
CA THR B 74 0.73 2.14 -28.14
C THR B 74 -0.09 0.96 -27.61
N ILE B 75 -0.29 0.96 -26.28
CA ILE B 75 -1.16 -0.02 -25.63
C ILE B 75 -2.57 0.58 -25.57
N TYR B 76 -3.56 -0.19 -26.00
CA TYR B 76 -4.96 0.19 -25.93
C TYR B 76 -5.72 -0.70 -24.98
N PHE B 77 -6.59 -0.09 -24.20
CA PHE B 77 -7.44 -0.84 -23.27
C PHE B 77 -8.46 -1.69 -24.01
N PRO B 78 -8.86 -2.85 -23.45
CA PRO B 78 -9.94 -3.65 -24.08
C PRO B 78 -11.22 -2.82 -24.29
N VAL B 79 -11.79 -2.92 -25.50
CA VAL B 79 -12.99 -2.18 -25.87
CA VAL B 79 -13.00 -2.20 -25.87
C VAL B 79 -14.20 -2.59 -24.96
N ASP B 80 -14.21 -3.84 -24.45
CA ASP B 80 -15.32 -4.32 -23.59
C ASP B 80 -15.30 -3.69 -22.17
N ALA B 81 -14.32 -2.79 -21.87
CA ALA B 81 -14.18 -2.12 -20.58
C ALA B 81 -13.80 -3.09 -19.46
N SER B 82 -13.26 -4.26 -19.81
CA SER B 82 -12.75 -5.19 -18.80
C SER B 82 -11.39 -4.67 -18.29
N GLN B 83 -10.97 -5.14 -17.11
CA GLN B 83 -9.76 -4.65 -16.45
CA GLN B 83 -9.77 -4.67 -16.43
C GLN B 83 -8.51 -5.42 -16.83
N ARG B 84 -7.39 -4.73 -16.75
CA ARG B 84 -6.08 -5.28 -17.00
C ARG B 84 -5.12 -4.75 -15.95
N ASP B 85 -3.97 -5.41 -15.80
CA ASP B 85 -2.93 -4.99 -14.88
C ASP B 85 -1.75 -4.52 -15.67
N PHE B 86 -0.90 -3.71 -15.05
CA PHE B 86 0.25 -3.12 -15.76
C PHE B 86 1.48 -3.24 -14.94
N VAL B 87 2.60 -3.55 -15.62
CA VAL B 87 3.91 -3.58 -15.01
C VAL B 87 4.88 -2.88 -15.96
N ALA B 88 6.02 -2.39 -15.44
CA ALA B 88 7.03 -1.75 -16.26
C ALA B 88 8.40 -1.91 -15.67
N TYR B 89 9.43 -1.70 -16.49
CA TYR B 89 10.79 -1.75 -16.01
C TYR B 89 11.63 -0.73 -16.77
N TYR B 90 12.81 -0.45 -16.23
CA TYR B 90 13.80 0.45 -16.78
C TYR B 90 15.17 -0.12 -16.53
N PRO B 91 16.15 0.00 -17.46
CA PRO B 91 16.05 0.62 -18.78
C PRO B 91 15.50 -0.38 -19.79
N TYR B 92 14.63 0.10 -20.67
CA TYR B 92 14.08 -0.71 -21.76
C TYR B 92 15.18 -1.43 -22.55
N ARG B 93 14.93 -2.72 -22.85
CA ARG B 93 15.76 -3.57 -23.71
C ARG B 93 14.88 -4.08 -24.82
N GLU B 94 15.32 -3.95 -26.07
CA GLU B 94 14.55 -4.40 -27.23
C GLU B 94 14.28 -5.91 -27.16
N THR B 95 15.28 -6.67 -26.71
CA THR B 95 15.16 -8.12 -26.58
C THR B 95 15.54 -8.53 -25.15
N LEU B 96 14.60 -9.13 -24.45
CA LEU B 96 14.84 -9.65 -23.10
C LEU B 96 15.17 -11.12 -23.23
N ALA B 97 15.76 -11.72 -22.19
CA ALA B 97 16.00 -13.17 -22.20
C ALA B 97 14.65 -13.86 -22.10
N ASP B 98 14.54 -15.06 -22.68
N ASP B 98 14.53 -15.03 -22.75
CA ASP B 98 13.35 -15.90 -22.73
CA ASP B 98 13.35 -15.85 -23.00
C ASP B 98 12.52 -15.79 -21.46
C ASP B 98 12.08 -15.50 -22.17
N GLY B 99 11.21 -15.57 -21.64
N GLY B 99 12.02 -15.91 -20.91
CA GLY B 99 10.25 -15.41 -20.56
CA GLY B 99 10.85 -15.65 -20.09
C GLY B 99 10.25 -14.06 -19.85
C GLY B 99 10.67 -14.25 -19.54
N ASN B 100 10.70 -12.95 -20.52
N ASN B 100 10.87 -13.17 -20.39
CA ASN B 100 10.68 -11.59 -19.98
CA ASN B 100 10.71 -11.75 -19.98
C ASN B 100 11.70 -11.39 -18.82
C ASN B 100 11.70 -11.41 -18.85
N VAL B 101 12.93 -11.84 -19.04
CA VAL B 101 13.99 -11.72 -18.03
C VAL B 101 15.05 -10.73 -18.44
N TYR B 102 15.29 -9.80 -17.52
CA TYR B 102 16.34 -8.79 -17.61
C TYR B 102 17.60 -9.36 -16.93
N THR B 103 18.72 -9.39 -17.66
CA THR B 103 19.99 -9.91 -17.14
C THR B 103 20.85 -8.72 -16.70
N VAL B 104 21.25 -8.73 -15.42
CA VAL B 104 22.05 -7.69 -14.78
C VAL B 104 23.51 -8.07 -14.83
N ASP B 105 24.39 -7.12 -15.20
CA ASP B 105 25.84 -7.29 -15.11
C ASP B 105 26.37 -5.96 -14.60
N VAL B 106 26.90 -5.93 -13.36
CA VAL B 106 27.39 -4.67 -12.77
C VAL B 106 28.95 -4.58 -12.88
N SER B 107 29.60 -5.44 -13.71
CA SER B 107 31.05 -5.40 -13.92
CA SER B 107 31.06 -5.38 -13.86
C SER B 107 31.48 -4.09 -14.57
N VAL B 108 30.61 -3.52 -15.42
CA VAL B 108 30.88 -2.26 -16.13
C VAL B 108 30.03 -1.19 -15.46
N GLN B 109 30.68 -0.29 -14.75
CA GLN B 109 30.02 0.74 -13.95
C GLN B 109 29.62 1.99 -14.71
N THR B 110 30.40 2.40 -15.74
CA THR B 110 30.11 3.64 -16.48
C THR B 110 29.48 3.34 -17.86
N PRO B 111 28.34 3.98 -18.22
CA PRO B 111 27.52 4.92 -17.41
C PRO B 111 26.63 4.17 -16.42
N GLN B 112 26.43 4.79 -15.23
CA GLN B 112 25.60 4.26 -14.12
C GLN B 112 24.17 3.97 -14.57
N LYS B 113 23.59 4.85 -15.42
CA LYS B 113 22.20 4.71 -15.88
C LYS B 113 21.95 3.44 -16.70
N ASP B 114 22.98 2.87 -17.40
CA ASP B 114 22.81 1.67 -18.22
CA ASP B 114 22.75 1.70 -18.21
C ASP B 114 22.68 0.40 -17.38
N ILE B 115 23.06 0.44 -16.09
CA ILE B 115 22.96 -0.73 -15.21
C ILE B 115 21.96 -0.47 -14.06
N ASP B 116 21.33 0.72 -14.01
CA ASP B 116 20.40 1.08 -12.95
C ASP B 116 19.02 0.45 -13.21
N LEU B 117 18.92 -0.84 -12.93
CA LEU B 117 17.65 -1.56 -13.12
C LEU B 117 16.57 -1.06 -12.12
N GLY B 119 12.12 -1.36 -11.36
CA GLY B 119 10.84 -1.99 -11.65
C GLY B 119 9.71 -1.17 -11.05
N ALA B 120 8.58 -1.08 -11.76
CA ALA B 120 7.42 -0.37 -11.24
C ALA B 120 6.51 -1.39 -10.62
N ALA B 121 5.98 -1.11 -9.41
CA ALA B 121 5.04 -2.02 -8.75
C ALA B 121 3.83 -2.28 -9.65
N LYS B 122 3.28 -3.50 -9.61
CA LYS B 122 2.13 -3.82 -10.44
C LYS B 122 0.95 -2.87 -10.10
N VAL B 123 0.32 -2.32 -11.15
CA VAL B 123 -0.89 -1.49 -11.00
C VAL B 123 -2.06 -2.36 -11.48
N GLU B 124 -2.96 -2.72 -10.57
CA GLU B 124 -4.07 -3.63 -10.88
C GLU B 124 -5.41 -2.96 -11.18
N GLY B 125 -6.21 -3.66 -11.98
CA GLY B 125 -7.61 -3.35 -12.26
C GLY B 125 -7.89 -2.07 -13.00
N LYS B 126 -7.07 -1.72 -13.99
CA LYS B 126 -7.33 -0.51 -14.76
C LYS B 126 -8.14 -0.87 -16.00
N ASP B 127 -8.95 0.06 -16.48
CA ASP B 127 -9.74 -0.22 -17.68
C ASP B 127 -9.95 1.08 -18.46
N LYS B 128 -10.65 1.02 -19.59
CA LYS B 128 -10.83 2.21 -20.43
C LYS B 128 -11.58 3.37 -19.72
N THR B 129 -12.24 3.11 -18.56
CA THR B 129 -12.95 4.17 -17.82
C THR B 129 -11.98 4.97 -16.94
N ASP B 130 -10.77 4.44 -16.74
CA ASP B 130 -9.72 5.12 -15.98
C ASP B 130 -8.38 4.67 -16.58
N PRO B 131 -7.98 5.26 -17.73
CA PRO B 131 -6.79 4.76 -18.43
C PRO B 131 -5.47 5.30 -17.90
N LYS B 132 -5.50 6.08 -16.80
CA LYS B 132 -4.27 6.66 -16.25
C LYS B 132 -3.57 5.65 -15.34
N VAL B 133 -2.31 5.36 -15.63
CA VAL B 133 -1.54 4.46 -14.79
C VAL B 133 -0.30 5.23 -14.34
N ALA B 134 -0.14 5.37 -12.99
CA ALA B 134 1.01 6.04 -12.37
C ALA B 134 2.00 4.96 -11.95
N PHE B 135 3.05 4.78 -12.74
CA PHE B 135 4.08 3.80 -12.42
C PHE B 135 5.00 4.35 -11.35
N VAL B 136 5.17 3.63 -10.26
CA VAL B 136 6.07 4.03 -9.19
C VAL B 136 7.26 3.11 -9.28
N PHE B 137 8.39 3.64 -9.77
CA PHE B 137 9.61 2.85 -9.97
C PHE B 137 10.47 2.81 -8.72
N THR B 138 11.03 1.64 -8.45
CA THR B 138 12.00 1.47 -7.36
C THR B 138 13.24 0.84 -7.96
N HIS B 139 14.40 1.19 -7.42
CA HIS B 139 15.65 0.61 -7.91
C HIS B 139 15.75 -0.81 -7.39
N LYS B 140 16.17 -1.76 -8.22
CA LYS B 140 16.28 -3.17 -7.81
C LYS B 140 17.68 -3.48 -7.26
N LEU B 141 18.63 -2.56 -7.47
CA LEU B 141 20.02 -2.75 -7.03
C LEU B 141 20.37 -1.76 -5.90
N VAL B 142 21.66 -1.54 -5.65
CA VAL B 142 22.10 -0.74 -4.51
C VAL B 142 23.05 0.35 -4.99
N LYS B 143 22.86 1.57 -4.48
CA LYS B 143 23.72 2.68 -4.86
C LYS B 143 24.74 2.96 -3.75
N LEU B 144 26.00 3.13 -4.15
CA LEU B 144 27.07 3.57 -3.22
C LEU B 144 27.45 4.98 -3.59
N ASP B 145 27.46 5.89 -2.60
CA ASP B 145 27.76 7.30 -2.80
C ASP B 145 28.85 7.65 -1.80
N ILE B 146 30.07 7.89 -2.29
CA ILE B 146 31.23 8.09 -1.43
C ILE B 146 31.79 9.49 -1.61
N THR B 147 32.06 10.16 -0.49
CA THR B 147 32.69 11.47 -0.47
C THR B 147 34.00 11.30 0.27
N ILE B 148 35.10 11.73 -0.35
CA ILE B 148 36.42 11.64 0.26
C ILE B 148 36.87 13.02 0.73
N LYS B 149 37.44 13.11 1.95
CA LYS B 149 38.02 14.37 2.40
C LYS B 149 39.27 14.08 3.21
N ALA B 150 40.20 15.02 3.23
CA ALA B 150 41.39 14.87 4.05
C ALA B 150 41.07 15.26 5.49
N ASP B 151 41.92 14.86 6.45
CA ASP B 151 41.72 15.32 7.83
C ASP B 151 41.99 16.84 7.96
N GLY B 152 42.68 17.43 6.98
CA GLY B 152 43.07 18.86 7.01
C GLY B 152 44.26 19.14 7.92
N THR B 153 44.92 18.08 8.42
CA THR B 153 46.06 18.21 9.33
C THR B 153 47.26 17.49 8.74
N SER B 154 47.28 16.13 8.80
CA SER B 154 48.37 15.33 8.26
C SER B 154 48.34 15.41 6.73
N LEU B 155 47.14 15.60 6.17
CA LEU B 155 46.88 15.70 4.73
C LEU B 155 45.91 16.82 4.40
N THR B 156 45.97 17.33 3.18
CA THR B 156 45.03 18.31 2.60
C THR B 156 44.24 17.62 1.50
N ASP B 157 43.08 18.19 1.11
CA ASP B 157 42.29 17.63 0.01
C ASP B 157 43.14 17.52 -1.27
N ALA B 158 44.07 18.47 -1.47
CA ALA B 158 45.00 18.51 -2.61
C ALA B 158 45.86 17.23 -2.67
N ASP B 159 46.35 16.76 -1.50
CA ASP B 159 47.15 15.53 -1.42
C ASP B 159 46.39 14.29 -1.88
N LEU B 160 45.05 14.33 -1.87
CA LEU B 160 44.20 13.19 -2.24
C LEU B 160 43.75 13.25 -3.69
N ALA B 161 44.29 14.21 -4.47
CA ALA B 161 43.93 14.31 -5.89
C ALA B 161 44.30 13.00 -6.60
N GLY B 162 43.32 12.46 -7.31
CA GLY B 162 43.50 11.21 -8.05
C GLY B 162 43.18 9.94 -7.30
N THR B 163 42.73 10.05 -6.01
CA THR B 163 42.37 8.86 -5.23
C THR B 163 41.33 8.00 -5.97
N THR B 164 41.60 6.68 -6.06
CA THR B 164 40.68 5.74 -6.70
C THR B 164 40.00 4.93 -5.61
N VAL B 165 38.82 4.39 -5.92
CA VAL B 165 38.02 3.60 -4.97
C VAL B 165 37.54 2.33 -5.63
N SER B 166 37.72 1.20 -4.95
CA SER B 166 37.18 -0.08 -5.43
C SER B 166 36.56 -0.82 -4.25
N ILE B 167 35.66 -1.76 -4.52
CA ILE B 167 35.02 -2.56 -3.49
C ILE B 167 35.29 -4.02 -3.85
N SER B 168 35.66 -4.81 -2.83
CA SER B 168 36.04 -6.20 -3.02
C SER B 168 34.89 -7.18 -2.86
N ASN B 169 35.14 -8.44 -3.28
CA ASN B 169 34.32 -9.63 -3.13
C ASN B 169 32.86 -9.37 -3.55
N GLN B 170 32.69 -8.87 -4.77
CA GLN B 170 31.36 -8.59 -5.29
C GLN B 170 30.85 -9.65 -6.22
N GLN B 171 29.56 -9.98 -6.10
CA GLN B 171 28.87 -10.79 -7.09
C GLN B 171 28.53 -9.79 -8.18
N THR B 172 28.60 -10.16 -9.48
CA THR B 172 28.34 -9.16 -10.52
C THR B 172 27.16 -9.51 -11.45
N ALA B 173 26.59 -10.72 -11.35
CA ALA B 173 25.49 -11.14 -12.20
C ALA B 173 24.19 -11.38 -11.42
N ALA B 174 23.08 -10.92 -11.98
CA ALA B 174 21.76 -11.16 -11.41
C ALA B 174 20.71 -11.21 -12.52
N THR B 175 19.52 -11.65 -12.17
CA THR B 175 18.38 -11.71 -13.09
C THR B 175 17.19 -11.05 -12.42
N TYR B 176 16.23 -10.65 -13.24
CA TYR B 176 15.00 -10.04 -12.77
C TYR B 176 13.93 -10.32 -13.78
N ASN B 177 12.82 -10.89 -13.33
CA ASN B 177 11.70 -11.13 -14.23
C ASN B 177 10.85 -9.86 -14.22
N VAL B 178 10.79 -9.17 -15.37
CA VAL B 178 10.14 -7.84 -15.46
C VAL B 178 8.62 -7.93 -15.30
N VAL B 179 8.01 -9.12 -15.56
CA VAL B 179 6.57 -9.31 -15.43
C VAL B 179 6.25 -9.71 -13.99
N THR B 180 7.02 -10.63 -13.39
CA THR B 180 6.83 -11.07 -11.98
C THR B 180 7.08 -9.95 -10.99
N GLY B 181 8.10 -9.14 -11.26
CA GLY B 181 8.48 -8.07 -10.35
C GLY B 181 9.18 -8.66 -9.15
N GLY B 182 9.08 -7.98 -8.01
CA GLY B 182 9.76 -8.48 -6.82
C GLY B 182 11.25 -8.19 -6.89
N ASP B 183 12.02 -9.03 -6.24
CA ASP B 183 13.46 -8.78 -6.13
C ASP B 183 14.25 -9.37 -7.26
N ALA B 184 15.41 -8.77 -7.55
CA ALA B 184 16.35 -9.36 -8.49
C ALA B 184 16.98 -10.58 -7.78
N THR B 185 17.40 -11.59 -8.55
CA THR B 185 18.02 -12.78 -7.97
C THR B 185 19.47 -12.81 -8.36
N VAL B 186 20.37 -12.84 -7.39
CA VAL B 186 21.80 -12.91 -7.66
C VAL B 186 22.12 -14.33 -8.15
N THR B 187 22.86 -14.44 -9.26
CA THR B 187 23.28 -15.76 -9.77
C THR B 187 24.75 -15.86 -9.39
N THR B 188 25.03 -16.60 -8.33
CA THR B 188 26.37 -16.69 -7.75
C THR B 188 27.39 -17.22 -8.75
N GLY B 189 28.57 -16.62 -8.66
CA GLY B 189 29.72 -16.93 -9.50
C GLY B 189 30.95 -16.54 -8.74
N THR B 190 32.05 -16.31 -9.47
CA THR B 190 33.28 -15.91 -8.82
CA THR B 190 33.32 -15.86 -8.91
C THR B 190 33.17 -14.42 -8.43
N THR B 191 33.60 -14.11 -7.19
CA THR B 191 33.58 -12.77 -6.61
C THR B 191 34.60 -11.92 -7.34
N LYS B 192 34.31 -10.63 -7.55
CA LYS B 192 35.19 -9.72 -8.28
C LYS B 192 35.37 -8.38 -7.57
N GLU B 193 36.47 -7.69 -7.89
CA GLU B 193 36.73 -6.36 -7.37
C GLU B 193 36.04 -5.39 -8.32
N ILE B 194 35.23 -4.47 -7.80
CA ILE B 194 34.58 -3.50 -8.68
C ILE B 194 35.22 -2.15 -8.48
N VAL B 195 35.75 -1.57 -9.55
CA VAL B 195 36.34 -0.24 -9.50
C VAL B 195 35.17 0.75 -9.60
N LEU B 196 35.03 1.68 -8.61
CA LEU B 196 33.95 2.66 -8.59
CA LEU B 196 33.93 2.63 -8.63
C LEU B 196 34.30 3.86 -9.45
N HIS B 197 33.29 4.52 -10.07
CA HIS B 197 33.51 5.72 -10.89
CA HIS B 197 33.64 5.70 -10.87
C HIS B 197 33.84 6.91 -9.98
N THR B 198 34.96 7.60 -10.21
CA THR B 198 35.33 8.78 -9.43
C THR B 198 35.21 10.05 -10.27
N ASP B 199 34.84 11.14 -9.63
CA ASP B 199 34.74 12.48 -10.19
C ASP B 199 35.26 13.41 -9.11
N GLY B 200 36.56 13.72 -9.17
CA GLY B 200 37.21 14.49 -8.12
C GLY B 200 37.24 13.61 -6.88
N LEU B 201 36.86 14.17 -5.71
CA LEU B 201 36.85 13.43 -4.44
C LEU B 201 35.47 12.76 -4.15
N LYS B 202 34.74 12.43 -5.22
CA LYS B 202 33.45 11.74 -5.11
C LYS B 202 33.54 10.45 -5.88
N ALA B 203 32.99 9.37 -5.33
CA ALA B 203 32.94 8.08 -6.02
C ALA B 203 31.54 7.55 -5.93
N GLU B 204 31.12 6.84 -6.99
CA GLU B 204 29.78 6.27 -7.02
CA GLU B 204 29.77 6.28 -7.07
C GLU B 204 29.82 4.91 -7.67
N GLY B 205 28.91 4.06 -7.27
CA GLY B 205 28.81 2.72 -7.81
C GLY B 205 27.42 2.17 -7.67
N ILE B 206 27.12 1.17 -8.52
CA ILE B 206 25.87 0.43 -8.42
C ILE B 206 26.29 -1.01 -8.19
N VAL B 207 25.80 -1.61 -7.10
CA VAL B 207 26.20 -2.99 -6.75
C VAL B 207 24.98 -3.86 -6.48
N LEU B 208 25.19 -5.17 -6.38
CA LEU B 208 24.09 -6.08 -6.14
C LEU B 208 23.70 -6.10 -4.66
N PRO B 209 22.41 -6.36 -4.36
CA PRO B 209 22.03 -6.56 -2.95
C PRO B 209 22.79 -7.74 -2.37
N ALA B 210 23.06 -7.68 -1.06
CA ALA B 210 23.80 -8.73 -0.34
C ALA B 210 23.28 -8.81 1.08
N ALA B 211 22.91 -10.05 1.49
CA ALA B 211 22.40 -10.32 2.84
C ALA B 211 23.45 -9.99 3.88
N SER B 212 24.74 -10.11 3.52
CA SER B 212 25.86 -9.75 4.39
C SER B 212 26.98 -9.06 3.61
N THR B 213 27.50 -7.95 4.18
CA THR B 213 28.63 -7.21 3.61
C THR B 213 29.97 -7.73 4.18
N ALA B 214 29.97 -8.88 4.90
CA ALA B 214 31.18 -9.47 5.48
C ALA B 214 32.15 -9.87 4.38
N GLY B 215 33.42 -9.53 4.58
CA GLY B 215 34.48 -9.80 3.62
C GLY B 215 34.63 -8.71 2.57
N ALA B 217 35.48 -4.96 1.35
CA ALA B 217 36.27 -3.83 1.78
C ALA B 217 36.33 -2.79 0.68
N LEU B 218 36.38 -1.51 1.09
CA LEU B 218 36.65 -0.41 0.18
C LEU B 218 38.15 -0.19 0.18
N THR B 219 38.77 -0.05 -1.00
CA THR B 219 40.21 0.24 -1.09
C THR B 219 40.36 1.63 -1.67
N PHE B 220 41.11 2.50 -0.97
CA PHE B 220 41.40 3.85 -1.41
C PHE B 220 42.88 3.90 -1.75
N THR B 221 43.22 4.10 -3.03
CA THR B 221 44.61 4.20 -3.48
C THR B 221 44.91 5.66 -3.66
N VAL B 222 45.85 6.20 -2.88
CA VAL B 222 46.18 7.62 -2.88
C VAL B 222 47.51 7.83 -3.63
N PRO B 223 47.48 8.38 -4.85
CA PRO B 223 48.74 8.60 -5.60
C PRO B 223 49.72 9.53 -4.88
N GLY B 224 49.20 10.57 -4.23
CA GLY B 224 49.97 11.55 -3.46
C GLY B 224 50.85 10.95 -2.38
N LEU B 225 50.39 9.82 -1.80
CA LEU B 225 51.12 9.07 -0.77
C LEU B 225 51.83 7.87 -1.41
N GLU B 226 52.46 8.12 -2.59
CA GLU B 226 53.22 7.17 -3.43
C GLU B 226 52.41 5.89 -3.72
N GLY B 227 51.14 6.07 -4.09
CA GLY B 227 50.22 4.99 -4.41
C GLY B 227 49.80 4.12 -3.24
N GLN B 228 49.94 4.63 -1.99
CA GLN B 228 49.56 3.87 -0.79
C GLN B 228 48.07 3.56 -0.80
N ALA B 229 47.72 2.32 -0.40
CA ALA B 229 46.35 1.87 -0.35
C ALA B 229 45.87 1.69 1.08
N PHE B 230 44.71 2.30 1.38
CA PHE B 230 43.99 2.20 2.64
C PHE B 230 42.81 1.28 2.42
N HIS B 231 42.52 0.38 3.37
CA HIS B 231 41.42 -0.58 3.28
C HIS B 231 40.46 -0.35 4.44
N TRP B 232 39.17 -0.43 4.16
CA TRP B 232 38.16 -0.24 5.19
C TRP B 232 37.07 -1.29 5.02
N ASP B 233 36.74 -1.99 6.12
CA ASP B 233 35.73 -3.05 6.06
CA ASP B 233 35.74 -3.05 6.17
C ASP B 233 34.32 -2.47 6.06
N VAL B 234 33.58 -2.74 4.97
CA VAL B 234 32.20 -2.25 4.77
C VAL B 234 31.30 -2.68 5.93
N ASN B 235 31.50 -3.92 6.44
CA ASN B 235 30.68 -4.46 7.53
C ASN B 235 30.95 -3.76 8.89
N SER B 236 32.01 -2.96 9.00
CA SER B 236 32.28 -2.24 10.25
C SER B 236 31.36 -0.99 10.39
N ALA B 237 30.69 -0.56 9.30
CA ALA B 237 29.78 0.58 9.35
C ALA B 237 28.46 0.17 9.99
N ALA B 238 27.86 1.10 10.77
CA ALA B 238 26.60 0.88 11.48
C ALA B 238 25.46 0.63 10.51
N GLN B 239 25.40 1.39 9.41
CA GLN B 239 24.31 1.30 8.44
C GLN B 239 24.48 0.21 7.39
N SER B 240 25.65 -0.46 7.28
CA SER B 240 25.77 -1.41 6.17
C SER B 240 26.33 -2.80 6.55
N LYS B 241 25.56 -3.54 7.37
CA LYS B 241 25.86 -4.93 7.70
C LYS B 241 25.41 -5.80 6.52
N ALA B 242 24.50 -5.23 5.73
CA ALA B 242 23.92 -5.80 4.52
C ALA B 242 23.73 -4.70 3.50
N PHE B 243 23.60 -5.08 2.21
CA PHE B 243 23.26 -4.11 1.17
C PHE B 243 21.82 -4.41 0.75
N VAL B 244 20.89 -3.51 1.10
CA VAL B 244 19.44 -3.71 0.85
C VAL B 244 19.05 -3.12 -0.49
N ALA B 245 18.35 -3.92 -1.34
CA ALA B 245 17.88 -3.45 -2.65
C ALA B 245 17.09 -2.16 -2.51
N GLY B 246 17.28 -1.27 -3.47
CA GLY B 246 16.56 0.00 -3.52
C GLY B 246 17.03 1.05 -2.53
N SER B 247 18.21 0.84 -1.95
CA SER B 247 18.82 1.76 -0.99
C SER B 247 20.05 2.45 -1.55
N LYS B 248 20.37 3.62 -0.98
CA LYS B 248 21.57 4.39 -1.27
C LYS B 248 22.39 4.44 0.02
N TYR B 249 23.64 3.98 -0.03
CA TYR B 249 24.58 3.99 1.11
C TYR B 249 25.52 5.14 0.88
N LEU B 250 25.50 6.10 1.80
CA LEU B 250 26.31 7.29 1.70
C LEU B 250 27.45 7.20 2.68
N TYR B 251 28.69 7.22 2.17
CA TYR B 251 29.85 7.15 3.03
C TYR B 251 30.66 8.41 2.93
N THR B 252 31.07 8.97 4.08
CA THR B 252 32.02 10.09 4.13
C THR B 252 33.31 9.51 4.66
N ILE B 253 34.36 9.55 3.84
CA ILE B 253 35.67 9.00 4.18
C ILE B 253 36.63 10.13 4.55
N THR B 254 37.18 10.10 5.76
CA THR B 254 38.19 11.07 6.14
C THR B 254 39.53 10.35 6.15
N ILE B 255 40.45 10.82 5.31
CA ILE B 255 41.75 10.18 5.20
C ILE B 255 42.83 10.98 5.92
N SER B 256 43.61 10.24 6.75
CA SER B 256 44.78 10.77 7.48
CA SER B 256 44.77 10.75 7.50
C SER B 256 45.96 9.86 7.18
N LYS B 257 47.16 10.29 7.51
CA LYS B 257 48.34 9.44 7.32
C LYS B 257 48.23 8.20 8.24
N ALA B 258 47.56 8.37 9.40
CA ALA B 258 47.32 7.32 10.38
C ALA B 258 46.27 6.30 9.94
N GLY B 259 45.48 6.64 8.92
CA GLY B 259 44.42 5.77 8.42
C GLY B 259 43.13 6.48 8.06
N VAL B 260 42.09 5.72 7.74
CA VAL B 260 40.82 6.28 7.32
C VAL B 260 39.75 6.08 8.40
N GLU B 261 38.76 6.97 8.38
CA GLU B 261 37.57 6.94 9.24
CA GLU B 261 37.59 6.87 9.24
C GLU B 261 36.38 7.15 8.37
N VAL B 262 35.30 6.45 8.65
CA VAL B 262 34.11 6.55 7.82
C VAL B 262 32.85 6.77 8.62
N SER B 263 31.99 7.67 8.13
CA SER B 263 30.66 7.90 8.65
C SER B 263 29.72 7.38 7.59
N SER B 264 28.64 6.69 8.01
CA SER B 264 27.74 6.12 7.02
C SER B 264 26.29 6.52 7.27
N LYS B 265 25.51 6.55 6.19
CA LYS B 265 24.07 6.82 6.19
C LYS B 265 23.45 5.93 5.16
N VAL B 266 22.23 5.44 5.42
CA VAL B 266 21.49 4.68 4.42
C VAL B 266 20.18 5.43 4.21
N GLU B 267 19.76 5.54 2.94
CA GLU B 267 18.56 6.26 2.55
CA GLU B 267 18.50 6.19 2.65
C GLU B 267 17.81 5.49 1.48
N ASP B 268 16.52 5.80 1.30
CA ASP B 268 15.76 5.26 0.20
C ASP B 268 16.39 5.84 -1.05
N TRP B 269 16.67 5.01 -2.04
CA TRP B 269 17.30 5.52 -3.24
C TRP B 269 16.21 6.18 -4.11
N THR B 270 16.22 7.53 -4.12
CA THR B 270 15.31 8.43 -4.85
C THR B 270 16.10 9.62 -5.41
#